data_4DPN
#
_entry.id   4DPN
#
_cell.length_a   119.770
_cell.length_b   67.500
_cell.length_c   70.460
_cell.angle_alpha   90.00
_cell.angle_beta   125.86
_cell.angle_gamma   90.00
#
_symmetry.space_group_name_H-M   'C 1 2 1'
#
loop_
_entity.id
_entity.type
_entity.pdbx_description
1 polymer Concanavalin-A
2 non-polymer 'CALCIUM ION'
3 non-polymer 'MANGANESE (II) ION'
4 non-polymer RESVERATROL
5 water water
#
_entity_poly.entity_id   1
_entity_poly.type   'polypeptide(L)'
_entity_poly.pdbx_seq_one_letter_code
;ADTIVAVELDTYPNTDIGDPSYPHIGIDIKSVRSKKTAKWNMQNGKVGTAHIIYNSVGKRLSAVVSYPNGDSATVSYDVD
LDNVLPEWVRVGLSASTGLYKETNTILSWSFTSKLKSNSTHETNALHFVFNQFSKDQKDLILQGDATTGTDGNLELTRVS
SNGSPQGSSVGRALFYAPVHIWESSAVVASFDATFTFLIKSSDSHPADGIAFFISNIDSSIPSGSTGRLLGLFPDAN
;
_entity_poly.pdbx_strand_id   A,D
#
# COMPACT_ATOMS: atom_id res chain seq x y z
N ALA A 1 0.73 17.66 24.66
CA ALA A 1 0.78 17.94 23.20
C ALA A 1 0.29 16.76 22.40
N ASP A 2 -0.47 17.06 21.37
CA ASP A 2 -0.80 16.07 20.36
C ASP A 2 0.39 15.24 19.88
N THR A 3 0.11 13.99 19.52
CA THR A 3 1.03 13.23 18.67
C THR A 3 0.64 13.49 17.21
N ILE A 4 1.62 13.78 16.38
CA ILE A 4 1.34 14.02 14.97
C ILE A 4 2.20 13.20 13.97
N VAL A 5 1.51 12.56 13.01
CA VAL A 5 2.14 12.13 11.76
C VAL A 5 1.48 12.87 10.59
N ALA A 6 2.26 13.68 9.88
CA ALA A 6 1.71 14.46 8.77
C ALA A 6 2.42 14.23 7.46
N VAL A 7 1.67 14.23 6.37
CA VAL A 7 2.36 14.62 5.16
C VAL A 7 2.06 16.10 4.99
N GLU A 8 3.09 16.87 4.71
CA GLU A 8 2.95 18.28 4.41
C GLU A 8 3.19 18.67 2.93
N LEU A 9 2.26 19.46 2.45
CA LEU A 9 2.40 20.10 1.16
C LEU A 9 2.76 21.55 1.50
N ASP A 10 4.05 21.83 1.48
CA ASP A 10 4.61 23.05 2.09
C ASP A 10 5.02 24.07 1.05
N THR A 11 4.19 25.11 0.96
CA THR A 11 4.30 26.12 -0.09
C THR A 11 5.37 27.14 0.21
N TYR A 12 5.70 27.30 1.49
CA TYR A 12 6.56 28.39 1.96
C TYR A 12 7.78 27.93 2.77
N PRO A 13 8.97 27.90 2.13
CA PRO A 13 10.27 27.57 2.74
C PRO A 13 10.43 28.43 3.96
N ASN A 14 10.45 27.81 5.15
CA ASN A 14 10.96 28.48 6.35
C ASN A 14 12.23 27.74 6.71
N THR A 15 13.29 28.13 6.00
CA THR A 15 14.60 27.54 6.10
C THR A 15 15.26 27.73 7.46
N ASP A 16 14.58 28.42 8.37
CA ASP A 16 15.18 28.66 9.67
C ASP A 16 14.48 27.77 10.69
N ILE A 17 13.68 26.83 10.19
CA ILE A 17 13.08 25.77 11.01
C ILE A 17 13.12 24.42 10.30
N GLY A 18 14.20 24.16 9.58
CA GLY A 18 14.30 22.92 8.82
C GLY A 18 13.96 22.95 7.34
N ASP A 19 12.89 23.64 6.92
CA ASP A 19 12.51 23.60 5.50
C ASP A 19 13.69 23.66 4.54
N PRO A 20 13.66 22.86 3.47
CA PRO A 20 14.56 23.19 2.37
C PRO A 20 14.18 24.55 1.75
N SER A 21 15.13 25.12 1.03
CA SER A 21 14.98 26.43 0.46
C SER A 21 13.98 26.48 -0.69
N TYR A 22 13.06 25.51 -0.74
CA TYR A 22 12.01 25.51 -1.75
C TYR A 22 10.65 25.06 -1.21
N PRO A 23 9.55 25.33 -1.96
CA PRO A 23 8.36 24.59 -1.62
C PRO A 23 8.69 23.09 -1.68
N HIS A 24 7.98 22.29 -0.90
CA HIS A 24 8.32 20.89 -0.73
C HIS A 24 7.14 20.13 -0.25
N ILE A 25 7.14 18.82 -0.49
CA ILE A 25 6.33 17.89 0.29
C ILE A 25 7.26 17.29 1.33
N GLY A 26 6.71 17.03 2.50
CA GLY A 26 7.55 16.52 3.58
C GLY A 26 6.80 15.57 4.48
N ILE A 27 7.51 14.59 5.00
CA ILE A 27 6.88 13.69 5.95
C ILE A 27 7.22 14.21 7.32
N ASP A 28 6.20 14.30 8.16
CA ASP A 28 6.34 14.87 9.50
C ASP A 28 6.04 13.86 10.57
N ILE A 29 7.03 13.55 11.38
CA ILE A 29 6.84 12.58 12.46
C ILE A 29 7.03 13.29 13.80
N LYS A 30 5.92 13.54 14.46
CA LYS A 30 5.92 14.22 15.74
C LYS A 30 6.64 15.56 15.71
N SER A 31 6.98 16.05 14.52
CA SER A 31 7.77 17.28 14.39
C SER A 31 7.50 18.04 13.10
N VAL A 32 7.56 19.37 13.15
CA VAL A 32 7.37 20.19 11.93
C VAL A 32 8.55 20.07 11.03
N ARG A 33 9.74 19.87 11.60
CA ARG A 33 10.92 19.74 10.78
C ARG A 33 10.86 18.36 10.22
N SER A 34 10.45 18.29 8.95
CA SER A 34 10.17 17.05 8.27
C SER A 34 11.32 16.01 8.39
N LYS A 35 10.96 14.76 8.69
CA LYS A 35 11.92 13.67 8.65
C LYS A 35 12.55 13.56 7.26
N LYS A 36 11.77 13.84 6.23
CA LYS A 36 12.18 13.68 4.84
C LYS A 36 11.38 14.65 3.99
N THR A 37 12.04 15.36 3.07
CA THR A 37 11.31 16.28 2.17
C THR A 37 11.66 16.06 0.69
N ALA A 38 10.99 16.77 -0.22
CA ALA A 38 11.33 16.71 -1.64
C ALA A 38 10.94 18.00 -2.32
N LYS A 39 11.76 18.48 -3.25
CA LYS A 39 11.35 19.65 -4.02
C LYS A 39 9.97 19.41 -4.61
N TRP A 40 9.12 20.45 -4.55
CA TRP A 40 7.78 20.36 -5.09
C TRP A 40 7.35 21.67 -5.64
N ASN A 41 7.18 21.72 -6.96
CA ASN A 41 6.67 22.92 -7.58
C ASN A 41 5.14 23.03 -7.43
N MET A 42 4.71 23.70 -6.35
CA MET A 42 3.28 24.03 -6.15
C MET A 42 2.82 24.87 -7.32
N GLN A 43 1.81 24.39 -8.04
CA GLN A 43 1.37 25.08 -9.23
C GLN A 43 0.20 25.98 -8.90
N ASN A 44 0.40 27.29 -9.06
CA ASN A 44 -0.59 28.26 -8.58
C ASN A 44 -1.94 28.16 -9.32
N GLY A 45 -3.03 27.98 -8.58
CA GLY A 45 -4.38 27.93 -9.17
C GLY A 45 -4.66 26.67 -9.98
N LYS A 46 -3.73 25.72 -9.94
CA LYS A 46 -3.91 24.42 -10.59
C LYS A 46 -4.36 23.47 -9.51
N VAL A 47 -5.21 22.51 -9.86
CA VAL A 47 -5.79 21.58 -8.90
C VAL A 47 -4.91 20.34 -8.75
N GLY A 48 -4.34 20.18 -7.56
CA GLY A 48 -3.33 19.15 -7.30
C GLY A 48 -3.86 17.95 -6.56
N THR A 49 -3.13 16.83 -6.64
CA THR A 49 -3.53 15.59 -5.98
C THR A 49 -2.47 15.11 -5.00
N ALA A 50 -2.91 14.75 -3.80
CA ALA A 50 -2.05 14.07 -2.83
C ALA A 50 -2.47 12.61 -2.55
N HIS A 51 -1.52 11.70 -2.74
CA HIS A 51 -1.76 10.34 -2.25
C HIS A 51 -0.77 10.12 -1.18
N ILE A 52 -1.25 9.60 -0.05
CA ILE A 52 -0.39 9.18 1.06
C ILE A 52 -0.59 7.70 1.22
N ILE A 53 0.49 6.93 1.26
CA ILE A 53 0.33 5.47 1.43
C ILE A 53 1.25 4.87 2.48
N TYR A 54 0.68 4.06 3.37
CA TYR A 54 1.48 3.39 4.40
C TYR A 54 0.91 2.06 4.72
N ASN A 55 1.82 1.09 4.90
CA ASN A 55 1.47 -0.20 5.51
C ASN A 55 2.57 -0.70 6.43
N SER A 56 2.17 -1.56 7.37
CA SER A 56 3.02 -1.98 8.49
C SER A 56 3.98 -3.10 8.11
N VAL A 57 3.83 -3.62 6.89
CA VAL A 57 4.78 -4.58 6.36
C VAL A 57 5.97 -3.84 5.82
N GLY A 58 5.77 -3.11 4.73
CA GLY A 58 6.82 -2.27 4.14
C GLY A 58 7.31 -1.11 4.99
N LYS A 59 6.44 -0.58 5.86
CA LYS A 59 6.86 0.42 6.86
C LYS A 59 7.55 1.63 6.23
N ARG A 60 7.15 1.90 4.99
CA ARG A 60 7.51 3.12 4.27
C ARG A 60 6.24 3.92 4.23
N LEU A 61 6.25 5.12 4.81
CA LEU A 61 5.12 6.04 4.64
C LEU A 61 5.42 6.79 3.38
N SER A 62 4.56 6.68 2.39
CA SER A 62 4.82 7.41 1.14
C SER A 62 3.83 8.54 0.85
N ALA A 63 4.23 9.43 -0.06
CA ALA A 63 3.34 10.51 -0.51
C ALA A 63 3.75 10.98 -1.86
N VAL A 64 2.77 11.10 -2.78
CA VAL A 64 2.94 11.86 -4.04
C VAL A 64 2.00 13.06 -4.04
N VAL A 65 2.48 14.13 -4.71
CA VAL A 65 1.67 15.27 -5.11
C VAL A 65 1.94 15.58 -6.57
N SER A 66 0.91 15.38 -7.37
CA SER A 66 1.05 15.61 -8.77
C SER A 66 0.01 16.64 -9.19
N TYR A 67 0.18 17.11 -10.42
CA TYR A 67 -0.76 18.04 -11.00
C TYR A 67 -1.16 17.54 -12.34
N PRO A 68 -2.30 18.00 -12.84
CA PRO A 68 -2.83 17.53 -14.13
C PRO A 68 -1.84 17.40 -15.29
N ASN A 69 -0.74 18.13 -15.26
CA ASN A 69 0.23 18.09 -16.34
C ASN A 69 1.27 17.00 -16.13
N GLY A 70 1.35 16.47 -14.91
CA GLY A 70 2.26 15.38 -14.60
C GLY A 70 3.37 15.74 -13.62
N ASP A 71 3.69 17.02 -13.42
CA ASP A 71 4.76 17.31 -12.51
C ASP A 71 4.32 16.73 -11.18
N SER A 72 5.27 16.12 -10.48
CA SER A 72 4.98 15.09 -9.50
C SER A 72 6.09 15.11 -8.50
N ALA A 73 5.78 15.23 -7.22
CA ALA A 73 6.84 15.10 -6.24
C ALA A 73 6.58 13.89 -5.34
N THR A 74 7.63 13.12 -5.07
CA THR A 74 7.54 11.90 -4.23
C THR A 74 8.40 12.05 -2.94
N VAL A 75 7.82 11.75 -1.79
CA VAL A 75 8.69 11.64 -0.61
C VAL A 75 8.41 10.32 0.10
N SER A 76 9.45 9.61 0.49
CA SER A 76 9.28 8.37 1.25
C SER A 76 10.09 8.38 2.51
N TYR A 77 9.52 7.80 3.56
CA TYR A 77 10.26 7.75 4.79
C TYR A 77 10.04 6.43 5.45
N ASP A 78 11.12 5.86 5.99
CA ASP A 78 11.04 4.53 6.58
C ASP A 78 10.86 4.69 8.07
N VAL A 79 9.64 4.40 8.54
CA VAL A 79 9.25 4.67 9.94
C VAL A 79 8.19 3.65 10.39
N ASP A 80 8.20 3.29 11.67
CA ASP A 80 7.21 2.33 12.11
C ASP A 80 6.11 3.00 12.90
N LEU A 81 5.03 3.30 12.19
CA LEU A 81 4.01 4.13 12.78
C LEU A 81 3.47 3.56 14.09
N ASP A 82 3.57 2.24 14.25
CA ASP A 82 3.16 1.58 15.49
C ASP A 82 3.85 2.18 16.71
N ASN A 83 5.09 2.64 16.53
CA ASN A 83 5.85 3.25 17.63
C ASN A 83 5.69 4.73 17.78
N VAL A 84 4.95 5.37 16.88
CA VAL A 84 4.79 6.81 17.01
C VAL A 84 3.35 7.15 17.37
N LEU A 85 2.41 6.42 16.78
CA LEU A 85 1.00 6.74 16.91
C LEU A 85 0.31 5.84 17.91
N PRO A 86 -0.69 6.38 18.63
CA PRO A 86 -1.47 5.51 19.50
C PRO A 86 -2.36 4.64 18.62
N GLU A 87 -2.84 3.53 19.17
CA GLU A 87 -3.71 2.64 18.45
C GLU A 87 -4.86 3.35 17.75
N TRP A 88 -5.41 4.35 18.43
CA TRP A 88 -6.55 5.09 17.93
C TRP A 88 -6.19 6.50 17.65
N VAL A 89 -6.69 6.98 16.53
CA VAL A 89 -6.29 8.27 16.04
C VAL A 89 -7.49 8.84 15.29
N ARG A 90 -7.38 10.12 14.96
CA ARG A 90 -8.33 10.77 14.09
C ARG A 90 -7.49 11.14 12.90
N VAL A 91 -8.09 11.15 11.72
CA VAL A 91 -7.30 11.44 10.53
C VAL A 91 -7.87 12.70 9.99
N GLY A 92 -7.01 13.57 9.49
CA GLY A 92 -7.54 14.83 9.06
C GLY A 92 -6.70 15.63 8.13
N LEU A 93 -7.21 16.82 7.83
CA LEU A 93 -6.53 17.75 6.97
C LEU A 93 -6.27 19.00 7.80
N SER A 94 -5.24 19.74 7.41
CA SER A 94 -4.83 20.94 8.11
C SER A 94 -4.21 21.91 7.09
N ALA A 95 -4.59 23.18 7.17
CA ALA A 95 -3.88 24.19 6.37
C ALA A 95 -3.66 25.48 7.15
N SER A 96 -2.70 26.28 6.72
CA SER A 96 -2.35 27.47 7.45
C SER A 96 -1.79 28.54 6.52
N THR A 97 -2.10 29.79 6.83
CA THR A 97 -1.47 30.91 6.15
C THR A 97 -0.77 31.65 7.26
N GLY A 98 0.16 32.54 6.87
CA GLY A 98 0.99 33.22 7.84
C GLY A 98 0.94 34.71 7.63
N LEU A 99 2.04 35.24 7.12
CA LEU A 99 2.23 36.63 6.74
C LEU A 99 2.02 36.58 5.23
N TYR A 100 2.26 35.38 4.71
CA TYR A 100 1.86 35.02 3.35
C TYR A 100 0.71 34.05 3.38
N LYS A 101 0.05 33.93 2.25
CA LYS A 101 -1.24 33.25 2.25
C LYS A 101 -1.67 32.76 0.88
N GLU A 102 -2.74 31.97 0.89
CA GLU A 102 -3.18 31.24 -0.26
C GLU A 102 -4.53 30.70 0.17
N THR A 103 -5.32 30.27 -0.80
CA THR A 103 -6.48 29.46 -0.46
C THR A 103 -5.86 28.10 -0.19
N ASN A 104 -6.34 27.43 0.84
CA ASN A 104 -6.03 26.02 1.05
C ASN A 104 -7.31 25.22 0.89
N THR A 105 -7.60 24.92 -0.37
CA THR A 105 -8.87 24.33 -0.82
C THR A 105 -8.72 22.80 -1.05
N ILE A 106 -9.71 22.06 -0.55
CA ILE A 106 -9.76 20.62 -0.63
C ILE A 106 -11.02 20.32 -1.39
N LEU A 107 -10.85 19.67 -2.55
CA LEU A 107 -11.94 19.31 -3.47
C LEU A 107 -12.46 17.88 -3.24
N SER A 108 -11.60 17.05 -2.69
CA SER A 108 -11.97 15.69 -2.31
C SER A 108 -10.97 15.23 -1.31
N TRP A 109 -11.42 14.27 -0.52
CA TRP A 109 -10.52 13.58 0.38
C TRP A 109 -11.09 12.26 0.62
N SER A 110 -10.24 11.25 0.38
CA SER A 110 -10.60 9.86 0.72
C SER A 110 -9.57 9.25 1.65
N PHE A 111 -9.97 8.21 2.33
CA PHE A 111 -9.13 7.63 3.35
C PHE A 111 -9.57 6.21 3.54
N THR A 112 -8.59 5.33 3.53
CA THR A 112 -8.81 3.92 3.84
C THR A 112 -7.87 3.52 4.91
N SER A 113 -8.36 2.85 5.91
CA SER A 113 -7.39 2.23 6.80
C SER A 113 -7.87 0.83 6.90
N LYS A 114 -6.93 -0.08 7.07
CA LYS A 114 -7.29 -1.49 7.11
C LYS A 114 -6.45 -2.19 8.14
N LEU A 115 -7.09 -2.97 9.00
CA LEU A 115 -6.37 -3.98 9.83
C LEU A 115 -6.71 -5.40 9.36
N LYS A 116 -5.68 -6.16 8.99
CA LYS A 116 -5.90 -7.54 8.45
C LYS A 116 -5.38 -8.63 9.40
N THR A 123 -10.18 -8.79 9.20
CA THR A 123 -10.11 -7.47 8.59
C THR A 123 -11.07 -6.55 9.32
N ASN A 124 -10.53 -5.49 9.92
CA ASN A 124 -11.33 -4.28 10.12
C ASN A 124 -10.81 -3.20 9.22
N ALA A 125 -11.72 -2.32 8.85
CA ALA A 125 -11.44 -1.34 7.85
C ALA A 125 -12.34 -0.18 8.13
N LEU A 126 -11.82 1.02 7.88
CA LEU A 126 -12.65 2.20 7.74
C LEU A 126 -12.35 2.78 6.39
N HIS A 127 -13.37 3.12 5.67
CA HIS A 127 -13.14 3.87 4.43
C HIS A 127 -14.13 4.98 4.24
N PHE A 128 -13.60 6.18 3.97
CA PHE A 128 -14.48 7.29 3.55
C PHE A 128 -13.91 7.98 2.34
N VAL A 129 -14.82 8.46 1.53
CA VAL A 129 -14.42 9.35 0.46
C VAL A 129 -15.36 10.54 0.53
N PHE A 130 -14.81 11.73 0.35
CA PHE A 130 -15.59 12.94 0.24
C PHE A 130 -15.16 13.52 -1.06
N ASN A 131 -16.02 13.41 -2.06
CA ASN A 131 -15.72 14.14 -3.30
C ASN A 131 -16.41 15.49 -3.38
N GLN A 132 -17.15 15.75 -2.31
CA GLN A 132 -17.89 16.96 -2.14
C GLN A 132 -17.92 17.13 -0.65
N PHE A 133 -18.45 18.25 -0.20
CA PHE A 133 -18.57 18.43 1.22
C PHE A 133 -19.87 19.21 1.27
N SER A 134 -20.45 19.41 2.44
CA SER A 134 -21.76 20.08 2.58
C SER A 134 -21.68 21.22 3.60
N LYS A 135 -22.76 21.99 3.75
CA LYS A 135 -22.72 23.03 4.77
C LYS A 135 -22.52 22.37 6.13
N ASP A 136 -23.35 21.39 6.45
CA ASP A 136 -23.22 20.78 7.77
C ASP A 136 -22.67 19.36 7.68
N GLN A 137 -21.35 19.27 7.56
CA GLN A 137 -20.67 18.01 7.25
C GLN A 137 -20.50 17.15 8.52
N LYS A 138 -21.58 16.48 8.92
CA LYS A 138 -21.67 15.93 10.25
C LYS A 138 -20.61 14.87 10.63
N ASP A 139 -19.97 14.29 9.62
CA ASP A 139 -18.88 13.30 9.78
C ASP A 139 -17.49 13.91 9.70
N LEU A 140 -17.44 15.24 9.52
CA LEU A 140 -16.23 16.00 9.70
C LEU A 140 -16.39 16.81 10.98
N ILE A 141 -15.29 16.87 11.74
CA ILE A 141 -15.10 17.80 12.87
C ILE A 141 -14.30 18.97 12.34
N LEU A 142 -14.91 20.14 12.18
CA LEU A 142 -14.13 21.26 11.66
C LEU A 142 -13.45 21.98 12.79
N GLN A 143 -12.30 22.57 12.52
CA GLN A 143 -11.51 23.24 13.53
C GLN A 143 -10.93 24.56 13.01
N GLY A 144 -10.75 25.52 13.93
CA GLY A 144 -10.26 26.84 13.56
C GLY A 144 -11.06 27.37 12.39
N ASP A 145 -10.34 27.89 11.38
CA ASP A 145 -10.96 28.70 10.31
C ASP A 145 -11.62 27.88 9.20
N ALA A 146 -11.64 26.56 9.37
CA ALA A 146 -12.01 25.62 8.31
C ALA A 146 -13.52 25.54 8.08
N THR A 147 -13.95 25.60 6.81
CA THR A 147 -15.39 25.50 6.51
C THR A 147 -15.70 24.69 5.28
N THR A 148 -16.91 24.14 5.26
CA THR A 148 -17.41 23.41 4.11
C THR A 148 -18.62 24.08 3.51
N GLY A 149 -19.02 23.61 2.32
CA GLY A 149 -20.23 24.06 1.63
C GLY A 149 -19.91 25.29 0.81
N THR A 150 -20.79 25.70 -0.11
CA THR A 150 -21.90 24.90 -0.64
C THR A 150 -21.43 24.67 -2.06
N ASP A 151 -20.18 25.08 -2.32
CA ASP A 151 -19.43 24.73 -3.52
C ASP A 151 -18.86 23.31 -3.37
N GLY A 152 -19.40 22.54 -2.43
CA GLY A 152 -18.93 21.18 -2.20
C GLY A 152 -17.43 21.08 -2.00
N ASN A 153 -16.84 22.17 -1.50
CA ASN A 153 -15.42 22.20 -1.17
C ASN A 153 -15.21 22.37 0.33
N LEU A 154 -13.99 22.22 0.79
CA LEU A 154 -13.65 22.47 2.17
C LEU A 154 -12.50 23.42 2.10
N GLU A 155 -12.66 24.52 2.81
CA GLU A 155 -11.72 25.62 2.80
C GLU A 155 -11.03 25.61 4.14
N LEU A 156 -9.85 25.04 4.15
CA LEU A 156 -9.19 24.78 5.42
C LEU A 156 -8.85 26.07 6.19
N THR A 157 -8.44 27.10 5.46
CA THR A 157 -8.20 28.42 6.05
C THR A 157 -9.17 29.47 5.51
N ARG A 158 -9.30 30.58 6.24
CA ARG A 158 -10.30 31.61 5.95
C ARG A 158 -10.25 32.11 4.52
N VAL A 159 -11.44 32.34 3.96
CA VAL A 159 -11.56 33.05 2.68
C VAL A 159 -12.54 34.24 2.85
N SER A 160 -12.52 35.19 1.90
CA SER A 160 -13.06 36.53 2.20
C SER A 160 -14.07 37.14 1.24
N SER A 161 -15.31 36.66 1.26
CA SER A 161 -16.40 37.25 0.47
C SER A 161 -16.23 37.04 -1.02
N ASN A 162 -15.11 37.55 -1.52
CA ASN A 162 -14.82 37.71 -2.95
C ASN A 162 -13.77 36.68 -3.37
N GLY A 163 -13.64 35.63 -2.55
CA GLY A 163 -12.68 34.53 -2.77
C GLY A 163 -11.22 34.81 -2.45
N SER A 164 -10.96 35.62 -1.41
CA SER A 164 -9.57 36.03 -1.11
C SER A 164 -9.01 35.41 0.15
N PRO A 165 -7.85 34.73 0.02
CA PRO A 165 -7.15 34.06 1.11
C PRO A 165 -6.75 35.02 2.21
N GLN A 166 -7.07 34.65 3.46
CA GLN A 166 -6.74 35.46 4.62
C GLN A 166 -5.53 34.90 5.37
N GLY A 167 -4.60 35.77 5.71
CA GLY A 167 -3.40 35.41 6.48
C GLY A 167 -3.77 34.94 7.87
N SER A 168 -2.77 34.43 8.58
CA SER A 168 -2.94 34.00 9.95
C SER A 168 -4.08 33.03 10.17
N SER A 169 -4.55 32.41 9.11
CA SER A 169 -5.63 31.45 9.23
C SER A 169 -5.05 30.05 9.43
N VAL A 170 -5.72 29.25 10.26
CA VAL A 170 -5.45 27.84 10.41
C VAL A 170 -6.75 27.09 10.49
N GLY A 171 -6.82 25.99 9.75
CA GLY A 171 -8.05 25.23 9.65
C GLY A 171 -7.70 23.79 9.53
N ARG A 172 -8.68 22.96 9.79
CA ARG A 172 -8.49 21.55 9.95
C ARG A 172 -9.78 20.82 9.92
N ALA A 173 -9.82 19.79 9.09
CA ALA A 173 -10.92 18.85 9.12
C ALA A 173 -10.41 17.48 9.58
N LEU A 174 -11.20 16.79 10.40
CA LEU A 174 -10.86 15.46 10.87
C LEU A 174 -12.03 14.56 10.60
N PHE A 175 -11.79 13.33 10.19
CA PHE A 175 -12.91 12.41 10.15
C PHE A 175 -13.45 12.29 11.55
N TYR A 176 -14.74 12.07 11.66
CA TYR A 176 -15.40 12.06 12.96
C TYR A 176 -15.08 10.76 13.75
N ALA A 177 -15.06 9.60 13.08
CA ALA A 177 -14.69 8.37 13.75
C ALA A 177 -13.22 8.36 14.00
N PRO A 178 -12.85 8.06 15.23
CA PRO A 178 -11.49 7.71 15.42
C PRO A 178 -11.20 6.54 14.49
N VAL A 179 -9.94 6.35 14.17
CA VAL A 179 -9.58 5.27 13.30
C VAL A 179 -8.75 4.32 14.15
N HIS A 180 -8.89 3.03 13.87
CA HIS A 180 -8.07 2.05 14.55
C HIS A 180 -6.88 1.79 13.71
N ILE A 181 -5.80 2.55 13.93
CA ILE A 181 -4.74 2.66 12.94
C ILE A 181 -3.66 1.58 12.96
N TRP A 182 -3.53 0.92 14.10
CA TRP A 182 -2.74 -0.29 14.21
C TRP A 182 -3.37 -1.06 15.30
N GLU A 183 -2.98 -2.31 15.45
CA GLU A 183 -3.54 -3.19 16.46
C GLU A 183 -2.40 -4.17 16.53
N SER A 184 -2.03 -4.59 17.74
CA SER A 184 -0.79 -5.38 17.87
C SER A 184 -0.87 -6.75 17.19
N SER A 185 -2.06 -7.36 17.19
CA SER A 185 -2.29 -8.61 16.43
C SER A 185 -2.52 -8.46 14.92
N ALA A 186 -2.53 -7.24 14.41
CA ALA A 186 -2.83 -7.06 12.98
C ALA A 186 -1.66 -7.62 12.21
N VAL A 187 -1.94 -8.33 11.13
CA VAL A 187 -0.88 -8.89 10.28
C VAL A 187 -0.45 -7.81 9.30
N VAL A 188 -1.44 -7.08 8.79
CA VAL A 188 -1.19 -5.85 8.02
C VAL A 188 -2.05 -4.71 8.58
N ALA A 189 -1.43 -3.60 8.92
CA ALA A 189 -2.14 -2.34 9.22
C ALA A 189 -1.80 -1.36 8.11
N SER A 190 -2.72 -1.01 7.27
CA SER A 190 -2.36 -0.05 6.22
C SER A 190 -3.32 1.11 6.24
N PHE A 191 -2.83 2.30 5.95
CA PHE A 191 -3.78 3.30 5.55
C PHE A 191 -3.28 3.94 4.26
N ASP A 192 -4.22 4.49 3.49
CA ASP A 192 -3.89 5.49 2.48
C ASP A 192 -4.94 6.60 2.46
N ALA A 193 -4.48 7.75 2.03
CA ALA A 193 -5.32 8.92 1.93
C ALA A 193 -5.09 9.55 0.59
N THR A 194 -6.14 10.10 0.02
CA THR A 194 -5.99 10.94 -1.16
C THR A 194 -6.82 12.17 -0.90
N PHE A 195 -6.31 13.30 -1.34
CA PHE A 195 -7.11 14.51 -1.37
C PHE A 195 -6.64 15.39 -2.50
N THR A 196 -7.58 16.09 -3.11
CA THR A 196 -7.24 17.04 -4.16
C THR A 196 -7.48 18.39 -3.56
N PHE A 197 -6.60 19.30 -3.90
CA PHE A 197 -6.50 20.58 -3.29
C PHE A 197 -6.26 21.57 -4.44
N LEU A 198 -6.69 22.80 -4.17
CA LEU A 198 -6.44 23.90 -5.16
C LEU A 198 -5.84 25.00 -4.29
N ILE A 199 -4.55 25.20 -4.34
CA ILE A 199 -3.94 26.35 -3.69
C ILE A 199 -3.76 27.44 -4.73
N LYS A 200 -4.54 28.50 -4.59
CA LYS A 200 -4.35 29.68 -5.41
C LYS A 200 -3.86 30.81 -4.52
N SER A 201 -2.76 31.42 -4.93
CA SER A 201 -2.28 32.59 -4.27
C SER A 201 -2.16 33.74 -5.30
N SER A 202 -2.11 34.96 -4.80
CA SER A 202 -1.82 36.13 -5.63
C SER A 202 -0.75 36.93 -4.92
N ASP A 203 -0.42 36.48 -3.70
CA ASP A 203 0.66 37.04 -2.88
C ASP A 203 2.00 36.98 -3.54
N SER A 204 2.94 37.75 -2.99
CA SER A 204 4.36 37.70 -3.35
C SER A 204 4.88 36.26 -3.27
N HIS A 205 4.36 35.51 -2.30
CA HIS A 205 4.71 34.14 -2.14
C HIS A 205 3.62 33.50 -1.34
N PRO A 206 3.19 32.29 -1.77
CA PRO A 206 2.16 31.50 -1.09
C PRO A 206 2.66 31.01 0.26
N ALA A 207 1.72 30.74 1.17
CA ALA A 207 2.03 30.23 2.49
C ALA A 207 0.75 29.68 3.13
N ASP A 208 0.86 28.66 3.98
CA ASP A 208 2.10 27.91 4.19
C ASP A 208 2.04 26.51 3.61
N GLY A 209 0.86 26.11 3.13
CA GLY A 209 0.67 24.80 2.54
C GLY A 209 -0.48 24.05 3.18
N ILE A 210 -0.61 22.76 2.82
CA ILE A 210 -1.65 21.84 3.36
C ILE A 210 -1.05 20.51 3.84
N ALA A 211 -1.60 19.94 4.90
CA ALA A 211 -1.03 18.72 5.47
C ALA A 211 -2.11 17.69 5.59
N PHE A 212 -1.82 16.44 5.27
CA PHE A 212 -2.70 15.39 5.76
C PHE A 212 -2.11 15.01 7.13
N PHE A 213 -2.95 14.57 8.06
CA PHE A 213 -2.42 14.25 9.38
C PHE A 213 -3.18 13.19 10.13
N ILE A 214 -2.43 12.56 11.00
CA ILE A 214 -2.94 11.49 11.82
C ILE A 214 -2.46 11.81 13.22
N SER A 215 -3.42 11.99 14.11
CA SER A 215 -3.12 12.46 15.44
C SER A 215 -3.90 11.63 16.42
N ASN A 216 -3.53 11.73 17.70
CA ASN A 216 -4.38 11.26 18.79
C ASN A 216 -5.76 11.80 18.58
N ILE A 217 -6.76 11.00 18.94
CA ILE A 217 -8.13 11.31 18.56
C ILE A 217 -8.59 12.72 18.96
N ASP A 218 -8.30 13.12 20.20
CA ASP A 218 -8.82 14.37 20.77
C ASP A 218 -8.06 15.59 20.24
N SER A 219 -7.05 15.36 19.41
CA SER A 219 -6.19 16.42 18.90
C SER A 219 -6.92 17.64 18.34
N SER A 220 -6.39 18.82 18.66
CA SER A 220 -6.91 20.09 18.14
C SER A 220 -5.76 21.00 17.80
N ILE A 221 -6.04 22.02 16.98
CA ILE A 221 -5.04 23.01 16.64
C ILE A 221 -4.27 23.37 17.92
N PRO A 222 -2.94 23.31 17.87
CA PRO A 222 -2.17 24.01 18.91
C PRO A 222 -2.25 25.52 18.71
N SER A 223 -2.21 26.27 19.81
CA SER A 223 -2.36 27.73 19.78
C SER A 223 -1.25 28.40 18.98
N GLY A 224 -1.65 29.36 18.14
CA GLY A 224 -0.73 30.09 17.27
C GLY A 224 0.15 29.15 16.46
N SER A 225 -0.47 28.15 15.81
CA SER A 225 0.22 27.20 14.94
C SER A 225 -0.11 27.48 13.48
N THR A 226 -0.38 28.75 13.21
CA THR A 226 -0.67 29.26 11.89
C THR A 226 0.66 29.43 11.21
N GLY A 227 0.67 29.91 9.97
CA GLY A 227 1.93 30.08 9.26
C GLY A 227 2.62 28.75 9.03
N ARG A 228 3.84 28.65 9.54
CA ARG A 228 4.78 27.58 9.22
C ARG A 228 4.58 26.26 9.97
N LEU A 229 3.78 26.32 11.05
CA LEU A 229 3.49 25.18 11.92
C LEU A 229 2.26 24.42 11.46
N LEU A 230 1.71 24.89 10.36
CA LEU A 230 0.61 24.24 9.67
C LEU A 230 -0.55 23.74 10.51
N GLY A 231 -0.73 24.27 11.69
CA GLY A 231 -1.85 23.84 12.50
C GLY A 231 -1.66 22.47 13.12
N LEU A 232 -0.42 21.98 13.11
CA LEU A 232 -0.13 20.66 13.66
C LEU A 232 0.68 20.72 14.93
N PHE A 233 1.59 21.70 15.04
CA PHE A 233 2.58 21.75 16.11
C PHE A 233 2.56 23.00 16.96
N PRO A 234 2.77 22.86 18.29
CA PRO A 234 2.77 24.05 19.17
C PRO A 234 3.86 24.98 18.72
N ASP A 235 4.91 24.38 18.15
CA ASP A 235 6.20 25.03 17.94
C ASP A 235 6.95 24.27 16.85
N ALA A 236 8.07 24.84 16.42
CA ALA A 236 8.88 24.26 15.38
C ALA A 236 10.07 23.51 15.93
N ASN A 237 9.87 22.81 17.05
CA ASN A 237 10.92 21.98 17.66
C ASN A 237 11.19 20.68 16.88
N ALA B 1 11.11 -16.35 -22.82
CA ALA B 1 10.82 -16.70 -21.40
C ALA B 1 9.88 -15.66 -20.76
N ASP B 2 8.96 -16.17 -19.95
CA ASP B 2 8.10 -15.37 -19.09
C ASP B 2 8.92 -14.34 -18.34
N THR B 3 8.47 -13.08 -18.31
CA THR B 3 9.00 -12.18 -17.30
C THR B 3 8.25 -12.57 -16.02
N ILE B 4 8.95 -12.55 -14.90
CA ILE B 4 8.32 -13.07 -13.69
C ILE B 4 8.77 -12.30 -12.46
N VAL B 5 7.77 -11.77 -11.77
CA VAL B 5 7.93 -11.20 -10.43
C VAL B 5 7.05 -12.04 -9.52
N ALA B 6 7.57 -12.45 -8.37
CA ALA B 6 6.83 -13.39 -7.52
C ALA B 6 7.25 -13.22 -6.11
N VAL B 7 6.30 -13.49 -5.22
CA VAL B 7 6.61 -13.73 -3.80
C VAL B 7 6.47 -15.22 -3.47
N GLU B 8 7.57 -15.83 -3.09
CA GLU B 8 7.53 -17.26 -2.87
C GLU B 8 7.44 -17.65 -1.40
N LEU B 9 6.53 -18.57 -1.15
CA LEU B 9 6.46 -19.21 0.13
C LEU B 9 7.24 -20.50 -0.13
N ASP B 10 8.52 -20.47 0.21
CA ASP B 10 9.40 -21.55 -0.22
C ASP B 10 9.64 -22.60 0.86
N THR B 11 8.84 -23.66 0.84
CA THR B 11 8.88 -24.68 1.91
C THR B 11 10.16 -25.49 1.94
N TYR B 12 10.89 -25.55 0.82
CA TYR B 12 12.08 -26.40 0.70
C TYR B 12 13.39 -25.69 0.38
N PRO B 13 14.35 -25.75 1.33
CA PRO B 13 15.68 -25.19 1.17
C PRO B 13 16.48 -25.94 0.14
N ASN B 14 16.53 -25.36 -1.06
CA ASN B 14 17.45 -25.73 -2.11
C ASN B 14 18.65 -24.83 -1.98
N THR B 15 19.46 -25.11 -0.96
CA THR B 15 20.60 -24.26 -0.58
C THR B 15 21.66 -24.13 -1.69
N ASP B 16 21.46 -24.85 -2.78
CA ASP B 16 22.43 -24.86 -3.87
C ASP B 16 21.98 -24.00 -5.05
N ILE B 17 20.80 -23.40 -4.96
CA ILE B 17 20.34 -22.44 -5.97
C ILE B 17 19.74 -21.21 -5.31
N GLY B 18 20.44 -20.63 -4.38
CA GLY B 18 19.90 -19.49 -3.66
C GLY B 18 19.40 -19.74 -2.26
N ASP B 19 18.33 -20.64 -2.03
CA ASP B 19 17.64 -20.72 -0.73
C ASP B 19 18.52 -20.55 0.46
N PRO B 20 18.12 -19.71 1.38
CA PRO B 20 18.73 -19.85 2.68
C PRO B 20 18.44 -21.29 3.15
N SER B 21 19.06 -21.70 4.26
CA SER B 21 19.01 -23.09 4.70
C SER B 21 17.79 -23.41 5.54
N TYR B 22 16.72 -22.65 5.35
CA TYR B 22 15.46 -22.92 6.07
C TYR B 22 14.30 -22.58 5.14
N PRO B 23 13.05 -22.96 5.52
CA PRO B 23 11.92 -22.40 4.76
C PRO B 23 11.85 -20.89 4.92
N HIS B 24 11.35 -20.24 3.89
CA HIS B 24 11.44 -18.82 3.81
C HIS B 24 10.45 -18.31 2.82
N ILE B 25 10.09 -17.04 3.00
CA ILE B 25 9.40 -16.25 1.99
C ILE B 25 10.43 -15.46 1.25
N GLY B 26 10.21 -15.25 -0.04
CA GLY B 26 11.20 -14.55 -0.83
C GLY B 26 10.55 -13.66 -1.83
N ILE B 27 11.29 -12.64 -2.24
CA ILE B 27 10.82 -11.85 -3.36
C ILE B 27 11.73 -12.21 -4.51
N ASP B 28 11.11 -12.80 -5.53
CA ASP B 28 11.82 -13.20 -6.76
C ASP B 28 11.50 -12.18 -7.85
N ILE B 29 12.53 -11.60 -8.45
CA ILE B 29 12.39 -10.78 -9.66
C ILE B 29 13.13 -11.44 -10.84
N LYS B 30 12.38 -12.04 -11.75
CA LYS B 30 12.97 -12.57 -12.99
C LYS B 30 14.02 -13.62 -12.70
N SER B 31 14.04 -14.16 -11.48
CA SER B 31 14.98 -15.21 -11.13
C SER B 31 14.46 -15.90 -9.90
N VAL B 32 14.69 -17.20 -9.79
CA VAL B 32 14.27 -17.90 -8.59
C VAL B 32 15.25 -17.59 -7.49
N ARG B 33 16.37 -16.94 -7.81
CA ARG B 33 17.23 -16.50 -6.75
C ARG B 33 16.55 -15.26 -6.16
N SER B 34 15.85 -15.50 -5.05
CA SER B 34 15.17 -14.45 -4.29
C SER B 34 16.10 -13.27 -4.09
N LYS B 35 15.69 -12.09 -4.56
CA LYS B 35 16.44 -10.86 -4.32
C LYS B 35 16.58 -10.68 -2.81
N LYS B 36 15.58 -11.13 -2.08
CA LYS B 36 15.59 -11.07 -0.61
C LYS B 36 14.67 -12.19 -0.11
N THR B 37 14.96 -12.71 1.09
CA THR B 37 14.06 -13.67 1.75
C THR B 37 14.08 -13.40 3.24
N ALA B 38 13.14 -14.00 3.96
CA ALA B 38 13.15 -14.01 5.43
C ALA B 38 12.91 -15.45 5.91
N LYS B 39 13.39 -15.78 7.11
CA LYS B 39 13.09 -17.10 7.64
C LYS B 39 11.59 -17.25 7.84
N TRP B 40 11.00 -18.25 7.20
CA TRP B 40 9.64 -18.63 7.46
C TRP B 40 9.53 -20.03 8.00
N ASN B 41 8.97 -20.13 9.19
CA ASN B 41 8.67 -21.39 9.82
C ASN B 41 7.28 -21.83 9.36
N MET B 42 7.23 -22.62 8.27
CA MET B 42 5.95 -23.23 7.81
C MET B 42 5.37 -24.19 8.83
N GLN B 43 4.12 -23.93 9.24
CA GLN B 43 3.42 -24.77 10.22
C GLN B 43 2.58 -25.82 9.50
N ASN B 44 3.05 -27.07 9.51
CA ASN B 44 2.42 -28.07 8.67
C ASN B 44 0.94 -28.25 8.97
N GLY B 45 0.13 -28.33 7.91
CA GLY B 45 -1.31 -28.55 8.06
C GLY B 45 -2.09 -27.37 8.60
N LYS B 46 -1.45 -26.20 8.59
CA LYS B 46 -2.08 -24.98 9.09
C LYS B 46 -2.46 -24.09 7.94
N VAL B 47 -3.60 -23.44 8.08
CA VAL B 47 -4.07 -22.44 7.13
C VAL B 47 -3.42 -21.13 7.49
N GLY B 48 -2.52 -20.68 6.63
CA GLY B 48 -1.88 -19.37 6.78
C GLY B 48 -2.50 -18.35 5.84
N THR B 49 -1.85 -17.19 5.71
CA THR B 49 -2.34 -16.16 4.84
C THR B 49 -1.14 -15.44 4.31
N ALA B 50 -1.15 -15.08 3.02
CA ALA B 50 -0.06 -14.30 2.44
C ALA B 50 -0.63 -13.00 1.94
N HIS B 51 0.06 -11.92 2.29
CA HIS B 51 -0.31 -10.59 1.82
C HIS B 51 0.85 -10.07 1.04
N ILE B 52 0.59 -9.52 -0.16
CA ILE B 52 1.63 -8.90 -0.99
C ILE B 52 1.19 -7.47 -1.33
N ILE B 53 2.09 -6.52 -1.09
CA ILE B 53 1.71 -5.17 -1.25
C ILE B 53 2.82 -4.54 -2.03
N TYR B 54 2.41 -3.64 -2.94
CA TYR B 54 3.34 -2.82 -3.68
C TYR B 54 2.61 -1.58 -4.21
N ASN B 55 3.30 -0.45 -4.19
CA ASN B 55 2.86 0.76 -4.88
C ASN B 55 4.06 1.41 -5.53
N SER B 56 3.80 2.27 -6.50
CA SER B 56 4.88 2.88 -7.26
C SER B 56 5.41 4.14 -6.58
N VAL B 57 4.82 4.53 -5.46
CA VAL B 57 5.43 5.64 -4.71
C VAL B 57 6.61 5.10 -3.89
N GLY B 58 6.27 4.27 -2.89
CA GLY B 58 7.30 3.67 -2.05
C GLY B 58 8.27 2.80 -2.82
N LYS B 59 7.75 2.18 -3.87
CA LYS B 59 8.56 1.40 -4.80
C LYS B 59 9.20 0.27 -4.05
N ARG B 60 8.39 -0.34 -3.18
CA ARG B 60 8.85 -1.37 -2.26
C ARG B 60 7.83 -2.41 -2.34
N LEU B 61 8.29 -3.62 -2.59
CA LEU B 61 7.44 -4.78 -2.54
C LEU B 61 7.65 -5.52 -1.20
N SER B 62 6.53 -5.85 -0.56
CA SER B 62 6.54 -6.39 0.76
C SER B 62 5.63 -7.58 0.70
N ALA B 63 5.90 -8.56 1.53
CA ALA B 63 4.97 -9.68 1.70
C ALA B 63 5.15 -10.11 3.12
N VAL B 64 4.04 -10.50 3.75
CA VAL B 64 4.07 -11.15 5.05
C VAL B 64 3.22 -12.35 4.93
N VAL B 65 3.64 -13.39 5.66
CA VAL B 65 2.90 -14.61 5.78
C VAL B 65 2.73 -14.81 7.26
N SER B 66 1.53 -15.20 7.65
CA SER B 66 1.25 -15.44 9.03
C SER B 66 0.32 -16.63 9.11
N TYR B 67 0.20 -17.14 10.32
CA TYR B 67 -0.70 -18.24 10.60
C TYR B 67 -1.47 -17.83 11.81
N PRO B 68 -2.66 -18.40 12.04
CA PRO B 68 -3.59 -18.12 13.15
C PRO B 68 -2.96 -17.91 14.56
N ASN B 69 -1.82 -18.53 14.83
CA ASN B 69 -1.12 -18.36 16.11
C ASN B 69 -0.21 -17.11 16.17
N GLY B 70 0.17 -16.59 15.00
CA GLY B 70 0.81 -15.28 14.91
C GLY B 70 2.25 -15.24 14.48
N ASP B 71 2.84 -16.39 14.18
CA ASP B 71 4.19 -16.41 13.63
C ASP B 71 4.12 -15.78 12.29
N SER B 72 4.82 -14.66 12.17
CA SER B 72 4.77 -13.88 10.97
C SER B 72 6.12 -14.05 10.36
N ALA B 73 6.19 -14.12 9.02
CA ALA B 73 7.46 -13.79 8.37
C ALA B 73 7.24 -12.70 7.33
N THR B 74 8.16 -11.71 7.31
CA THR B 74 8.09 -10.51 6.44
C THR B 74 9.33 -10.30 5.56
N VAL B 75 9.12 -10.07 4.28
CA VAL B 75 10.28 -9.73 3.45
C VAL B 75 9.91 -8.45 2.71
N SER B 76 10.88 -7.61 2.41
CA SER B 76 10.65 -6.37 1.66
C SER B 76 11.78 -6.16 0.68
N TYR B 77 11.44 -5.70 -0.52
CA TYR B 77 12.46 -5.44 -1.52
C TYR B 77 12.11 -4.19 -2.32
N ASP B 78 13.09 -3.29 -2.40
CA ASP B 78 12.96 -2.02 -3.08
C ASP B 78 13.30 -2.23 -4.51
N VAL B 79 12.29 -2.04 -5.34
CA VAL B 79 12.40 -2.32 -6.75
C VAL B 79 11.33 -1.49 -7.44
N ASP B 80 11.73 -0.89 -8.57
CA ASP B 80 10.78 -0.29 -9.48
C ASP B 80 10.25 -1.34 -10.45
N LEU B 81 8.99 -1.74 -10.31
CA LEU B 81 8.43 -2.82 -11.12
C LEU B 81 8.04 -2.33 -12.50
N ASP B 82 8.02 -1.01 -12.65
CA ASP B 82 7.91 -0.39 -13.96
C ASP B 82 9.08 -0.87 -14.78
N ASN B 83 10.21 -1.02 -14.11
CA ASN B 83 11.43 -1.38 -14.77
C ASN B 83 11.57 -2.87 -14.96
N VAL B 84 10.56 -3.63 -14.54
CA VAL B 84 10.62 -5.07 -14.72
C VAL B 84 9.40 -5.70 -15.35
N LEU B 85 8.21 -5.35 -14.88
CA LEU B 85 7.01 -5.92 -15.45
C LEU B 85 6.59 -5.20 -16.73
N PRO B 86 6.07 -5.97 -17.70
CA PRO B 86 5.45 -5.40 -18.88
C PRO B 86 4.16 -4.70 -18.46
N GLU B 87 3.77 -3.66 -19.17
CA GLU B 87 2.54 -2.95 -18.83
C GLU B 87 1.33 -3.82 -18.51
N TRP B 88 1.24 -4.95 -19.18
CA TRP B 88 0.13 -5.85 -18.91
C TRP B 88 0.64 -7.17 -18.48
N VAL B 89 -0.07 -7.76 -17.53
CA VAL B 89 0.46 -8.91 -16.86
C VAL B 89 -0.76 -9.72 -16.61
N ARG B 90 -0.57 -10.97 -16.22
CA ARG B 90 -1.64 -11.73 -15.64
C ARG B 90 -1.11 -12.01 -14.27
N VAL B 91 -1.98 -12.12 -13.28
CA VAL B 91 -1.52 -12.43 -11.92
C VAL B 91 -1.89 -13.86 -11.60
N GLY B 92 -1.07 -14.49 -10.78
CA GLY B 92 -1.48 -15.81 -10.42
C GLY B 92 -0.80 -16.41 -9.23
N LEU B 93 -1.24 -17.63 -8.98
CA LEU B 93 -0.72 -18.46 -7.93
C LEU B 93 0.00 -19.67 -8.54
N SER B 94 1.18 -19.98 -8.02
CA SER B 94 1.93 -21.13 -8.52
C SER B 94 2.34 -21.99 -7.36
N ALA B 95 2.32 -23.30 -7.55
CA ALA B 95 2.86 -24.22 -6.55
C ALA B 95 3.46 -25.46 -7.19
N SER B 96 4.37 -26.09 -6.47
CA SER B 96 5.15 -27.15 -7.05
C SER B 96 5.60 -28.11 -5.99
N THR B 97 5.59 -29.39 -6.32
CA THR B 97 6.15 -30.42 -5.48
C THR B 97 7.31 -31.02 -6.27
N GLY B 98 8.23 -31.70 -5.59
CA GLY B 98 9.32 -32.34 -6.31
C GLY B 98 9.55 -33.74 -5.79
N LEU B 99 10.82 -34.01 -5.47
CA LEU B 99 11.18 -35.15 -4.65
C LEU B 99 10.29 -35.21 -3.42
N TYR B 100 10.16 -34.11 -2.71
CA TYR B 100 9.20 -34.05 -1.62
C TYR B 100 7.93 -33.31 -2.02
N LYS B 101 6.87 -33.52 -1.28
CA LYS B 101 5.58 -33.01 -1.70
C LYS B 101 4.86 -32.31 -0.55
N GLU B 102 3.81 -31.58 -0.89
CA GLU B 102 2.91 -31.02 0.10
C GLU B 102 1.56 -30.81 -0.59
N THR B 103 0.50 -30.72 0.22
CA THR B 103 -0.78 -30.19 -0.24
C THR B 103 -0.46 -28.73 -0.56
N ASN B 104 -0.94 -28.24 -1.70
CA ASN B 104 -0.78 -26.82 -2.01
C ASN B 104 -2.17 -26.21 -2.15
N THR B 105 -2.89 -26.21 -1.06
CA THR B 105 -4.29 -25.84 -1.12
C THR B 105 -4.43 -24.37 -0.85
N ILE B 106 -4.99 -23.69 -1.83
CA ILE B 106 -5.28 -22.26 -1.75
C ILE B 106 -6.69 -22.18 -1.33
N LEU B 107 -6.95 -21.54 -0.21
CA LEU B 107 -8.34 -21.41 0.20
C LEU B 107 -9.01 -20.17 -0.34
N SER B 108 -8.29 -19.08 -0.46
CA SER B 108 -8.90 -17.85 -0.92
C SER B 108 -7.80 -17.08 -1.54
N TRP B 109 -8.15 -16.18 -2.45
CA TRP B 109 -7.16 -15.34 -3.10
C TRP B 109 -7.84 -14.10 -3.55
N SER B 110 -7.21 -12.97 -3.33
CA SER B 110 -7.83 -11.73 -3.71
C SER B 110 -6.72 -10.86 -4.20
N PHE B 111 -7.08 -9.87 -5.01
CA PHE B 111 -6.09 -9.09 -5.70
C PHE B 111 -6.68 -7.74 -6.03
N THR B 112 -5.85 -6.72 -5.91
CA THR B 112 -6.20 -5.37 -6.24
C THR B 112 -5.01 -4.75 -6.93
N SER B 113 -5.21 -4.32 -8.17
CA SER B 113 -4.29 -3.36 -8.77
C SER B 113 -5.11 -2.08 -8.99
N LYS B 114 -4.41 -0.96 -9.10
CA LYS B 114 -5.04 0.32 -9.15
C LYS B 114 -4.08 1.21 -9.91
N LEU B 115 -4.57 1.97 -10.87
CA LEU B 115 -3.81 3.11 -11.37
C LEU B 115 -4.57 4.38 -10.97
N LYS B 116 -3.86 5.34 -10.35
CA LYS B 116 -4.48 6.62 -9.95
C LYS B 116 -3.94 7.84 -10.71
N THR B 123 -8.64 6.87 -11.67
CA THR B 123 -8.53 5.51 -11.22
C THR B 123 -8.97 4.60 -12.33
N ASN B 124 -8.07 3.65 -12.64
CA ASN B 124 -8.42 2.33 -13.12
C ASN B 124 -8.03 1.32 -12.03
N ALA B 125 -8.84 0.29 -11.90
CA ALA B 125 -8.60 -0.68 -10.89
C ALA B 125 -9.19 -1.96 -11.32
N LEU B 126 -8.67 -3.02 -10.72
CA LEU B 126 -9.18 -4.39 -10.85
C LEU B 126 -9.16 -4.94 -9.49
N HIS B 127 -10.19 -5.69 -9.17
CA HIS B 127 -10.20 -6.35 -7.91
C HIS B 127 -10.95 -7.63 -8.03
N PHE B 128 -10.35 -8.70 -7.54
CA PHE B 128 -11.16 -9.90 -7.47
C PHE B 128 -10.85 -10.57 -6.16
N VAL B 129 -11.86 -11.24 -5.61
CA VAL B 129 -11.61 -12.05 -4.45
C VAL B 129 -12.31 -13.36 -4.67
N PHE B 130 -11.58 -14.43 -4.37
CA PHE B 130 -12.12 -15.78 -4.42
C PHE B 130 -12.03 -16.31 -3.03
N ASN B 131 -13.14 -16.32 -2.31
CA ASN B 131 -13.13 -17.03 -1.04
C ASN B 131 -13.59 -18.46 -1.23
N GLN B 132 -14.11 -18.78 -2.39
CA GLN B 132 -14.56 -20.13 -2.69
C GLN B 132 -14.28 -20.36 -4.15
N PHE B 133 -13.49 -21.36 -4.47
CA PHE B 133 -13.25 -21.66 -5.86
C PHE B 133 -14.28 -22.68 -6.29
N SER B 134 -14.58 -22.70 -7.58
CA SER B 134 -15.65 -23.55 -8.11
C SER B 134 -15.04 -24.69 -8.91
N LYS B 135 -15.69 -25.85 -8.90
CA LYS B 135 -15.20 -26.97 -9.73
C LYS B 135 -14.98 -26.45 -11.13
N ASP B 136 -15.77 -25.45 -11.51
CA ASP B 136 -15.55 -24.79 -12.77
C ASP B 136 -15.47 -23.25 -12.66
N GLN B 137 -14.28 -22.72 -12.86
CA GLN B 137 -14.02 -21.35 -12.53
C GLN B 137 -13.61 -20.62 -13.79
N LYS B 138 -14.57 -20.01 -14.48
CA LYS B 138 -14.27 -19.41 -15.76
C LYS B 138 -13.48 -18.08 -15.72
N ASP B 139 -13.10 -17.64 -14.53
CA ASP B 139 -12.17 -16.51 -14.41
C ASP B 139 -10.74 -16.92 -14.07
N LEU B 140 -10.55 -18.19 -13.76
CA LEU B 140 -9.19 -18.68 -13.55
C LEU B 140 -8.71 -19.47 -14.74
N ILE B 141 -7.50 -19.14 -15.16
CA ILE B 141 -6.74 -19.89 -16.13
C ILE B 141 -5.96 -20.96 -15.34
N LEU B 142 -6.42 -22.21 -15.37
CA LEU B 142 -5.67 -23.27 -14.70
C LEU B 142 -4.50 -23.77 -15.56
N GLN B 143 -3.40 -24.16 -14.92
CA GLN B 143 -2.24 -24.65 -15.66
C GLN B 143 -1.52 -25.72 -14.86
N GLY B 144 -0.81 -26.61 -15.55
CA GLY B 144 -0.17 -27.73 -14.88
C GLY B 144 -1.25 -28.52 -14.20
N ASP B 145 -0.99 -28.94 -12.96
CA ASP B 145 -1.91 -29.87 -12.24
C ASP B 145 -2.96 -29.18 -11.33
N ALA B 146 -2.97 -27.84 -11.36
CA ALA B 146 -3.93 -27.01 -10.62
C ALA B 146 -5.34 -27.33 -11.03
N THR B 147 -6.19 -27.54 -10.04
CA THR B 147 -7.61 -27.82 -10.25
C THR B 147 -8.40 -27.10 -9.17
N THR B 148 -9.72 -27.00 -9.36
CA THR B 148 -10.54 -26.32 -8.35
C THR B 148 -11.70 -27.18 -7.95
N GLY B 149 -12.29 -26.86 -6.81
CA GLY B 149 -13.61 -27.35 -6.42
C GLY B 149 -13.64 -28.78 -5.90
N THR B 150 -14.78 -29.20 -5.37
CA THR B 150 -15.95 -28.36 -5.11
C THR B 150 -16.02 -28.09 -3.60
N ASP B 151 -14.88 -28.33 -2.94
CA ASP B 151 -14.69 -28.07 -1.52
C ASP B 151 -14.36 -26.60 -1.35
N GLY B 152 -14.43 -25.85 -2.45
CA GLY B 152 -14.25 -24.39 -2.43
C GLY B 152 -12.80 -23.99 -2.39
N ASN B 153 -11.91 -24.95 -2.59
CA ASN B 153 -10.47 -24.68 -2.64
C ASN B 153 -9.87 -24.83 -4.04
N LEU B 154 -8.66 -24.28 -4.18
CA LEU B 154 -7.86 -24.40 -5.37
C LEU B 154 -6.68 -25.30 -5.02
N GLU B 155 -6.69 -26.52 -5.55
CA GLU B 155 -5.53 -27.37 -5.37
C GLU B 155 -4.58 -27.04 -6.49
N LEU B 156 -3.42 -26.47 -6.13
CA LEU B 156 -2.46 -26.06 -7.15
C LEU B 156 -1.65 -27.24 -7.73
N THR B 157 -1.29 -28.17 -6.87
CA THR B 157 -0.55 -29.35 -7.30
C THR B 157 -1.42 -30.57 -7.02
N ARG B 158 -1.06 -31.71 -7.60
CA ARG B 158 -1.96 -32.90 -7.55
C ARG B 158 -2.12 -33.52 -6.16
N VAL B 159 -3.36 -33.92 -5.86
CA VAL B 159 -3.74 -34.69 -4.63
C VAL B 159 -4.59 -35.92 -5.03
N SER B 160 -4.13 -37.11 -4.64
CA SER B 160 -4.85 -38.36 -4.97
C SER B 160 -6.22 -38.40 -4.29
N SER B 161 -7.01 -39.45 -4.60
CA SER B 161 -8.33 -39.65 -4.00
C SER B 161 -8.27 -39.50 -2.48
N ASN B 162 -7.51 -40.39 -1.85
CA ASN B 162 -7.07 -40.21 -0.46
C ASN B 162 -6.23 -38.93 -0.41
N GLY B 163 -6.34 -38.16 0.67
CA GLY B 163 -5.77 -36.80 0.71
C GLY B 163 -4.25 -36.70 0.61
N SER B 164 -3.67 -37.33 -0.40
CA SER B 164 -2.21 -37.41 -0.53
C SER B 164 -1.64 -36.54 -1.63
N PRO B 165 -0.85 -35.55 -1.24
CA PRO B 165 -0.02 -34.73 -2.11
C PRO B 165 0.77 -35.63 -3.04
N GLN B 166 0.92 -35.23 -4.30
CA GLN B 166 1.67 -36.02 -5.26
C GLN B 166 3.07 -35.46 -5.40
N GLY B 167 3.95 -36.22 -6.05
CA GLY B 167 5.34 -35.79 -6.24
C GLY B 167 5.51 -35.19 -7.61
N SER B 168 6.65 -34.54 -7.82
CA SER B 168 6.98 -33.85 -9.07
C SER B 168 5.78 -33.14 -9.73
N SER B 169 4.91 -32.57 -8.90
CA SER B 169 3.65 -31.93 -9.37
C SER B 169 3.83 -30.43 -9.59
N VAL B 170 3.11 -29.88 -10.55
CA VAL B 170 3.16 -28.45 -10.81
C VAL B 170 1.86 -27.89 -11.35
N GLY B 171 1.50 -26.70 -10.87
CA GLY B 171 0.22 -26.09 -11.21
C GLY B 171 0.16 -24.59 -10.93
N ARG B 172 -0.68 -23.90 -11.70
CA ARG B 172 -0.93 -22.48 -11.48
C ARG B 172 -2.34 -22.10 -11.84
N ALA B 173 -2.82 -21.05 -11.21
CA ALA B 173 -4.06 -20.44 -11.57
C ALA B 173 -3.71 -18.96 -11.67
N LEU B 174 -3.83 -18.41 -12.90
CA LEU B 174 -3.69 -16.97 -13.14
C LEU B 174 -5.09 -16.38 -13.17
N PHE B 175 -5.30 -15.12 -12.76
CA PHE B 175 -6.62 -14.53 -12.97
C PHE B 175 -6.78 -14.39 -14.47
N TYR B 176 -8.01 -14.48 -14.98
CA TYR B 176 -8.28 -14.53 -16.43
C TYR B 176 -7.98 -13.21 -17.14
N ALA B 177 -8.62 -12.12 -16.69
CA ALA B 177 -8.38 -10.81 -17.29
C ALA B 177 -6.90 -10.46 -17.17
N PRO B 178 -6.32 -9.92 -18.25
CA PRO B 178 -5.01 -9.34 -18.04
C PRO B 178 -5.16 -8.15 -17.08
N VAL B 179 -4.07 -7.77 -16.45
CA VAL B 179 -4.11 -6.73 -15.46
C VAL B 179 -3.21 -5.62 -15.92
N HIS B 180 -3.68 -4.40 -15.67
CA HIS B 180 -2.89 -3.26 -16.03
C HIS B 180 -2.21 -2.79 -14.75
N ILE B 181 -0.90 -3.05 -14.67
CA ILE B 181 -0.11 -3.04 -13.44
C ILE B 181 0.68 -1.76 -13.28
N TRP B 182 0.98 -1.18 -14.42
CA TRP B 182 1.50 0.16 -14.48
C TRP B 182 1.08 0.89 -15.74
N GLU B 183 1.42 2.16 -15.81
CA GLU B 183 0.92 3.02 -16.85
C GLU B 183 1.76 4.18 -16.51
N SER B 184 2.57 4.63 -17.45
CA SER B 184 3.66 5.51 -17.08
C SER B 184 3.16 6.89 -16.67
N SER B 185 1.91 7.20 -17.08
CA SER B 185 1.21 8.46 -16.68
C SER B 185 0.57 8.42 -15.29
N ALA B 186 0.61 7.25 -14.68
CA ALA B 186 -0.10 7.00 -13.43
C ALA B 186 0.70 7.58 -12.32
N VAL B 187 0.00 8.18 -11.37
CA VAL B 187 0.67 8.76 -10.24
C VAL B 187 1.06 7.61 -9.32
N VAL B 188 0.08 6.74 -9.03
CA VAL B 188 0.27 5.58 -8.16
C VAL B 188 -0.21 4.35 -8.90
N ALA B 189 0.71 3.42 -9.12
CA ALA B 189 0.36 2.06 -9.49
C ALA B 189 0.59 1.24 -8.23
N SER B 190 -0.45 0.58 -7.77
CA SER B 190 -0.31 -0.14 -6.55
C SER B 190 -0.99 -1.43 -6.82
N PHE B 191 -0.61 -2.48 -6.11
CA PHE B 191 -1.40 -3.72 -6.09
C PHE B 191 -1.12 -4.38 -4.77
N ASP B 192 -2.12 -5.05 -4.25
CA ASP B 192 -1.84 -5.93 -3.17
C ASP B 192 -2.58 -7.23 -3.45
N ALA B 193 -2.07 -8.31 -2.87
CA ALA B 193 -2.67 -9.62 -3.05
C ALA B 193 -2.69 -10.35 -1.73
N THR B 194 -3.74 -11.12 -1.54
CA THR B 194 -3.88 -11.92 -0.35
C THR B 194 -4.28 -13.28 -0.82
N PHE B 195 -3.79 -14.30 -0.12
CA PHE B 195 -4.33 -15.64 -0.28
C PHE B 195 -4.00 -16.38 1.00
N THR B 196 -4.94 -17.19 1.29
CA THR B 196 -4.79 -18.12 2.39
C THR B 196 -4.59 -19.50 1.74
N PHE B 197 -3.71 -20.34 2.39
CA PHE B 197 -3.23 -21.62 1.90
C PHE B 197 -3.23 -22.64 3.02
N LEU B 198 -3.41 -23.88 2.64
CA LEU B 198 -3.58 -24.95 3.63
C LEU B 198 -2.68 -26.00 3.13
N ILE B 199 -1.36 -25.61 3.25
CA ILE B 199 -0.19 -26.47 2.98
C ILE B 199 0.06 -27.67 3.95
N LYS B 200 -0.07 -28.92 3.60
CA LYS B 200 0.16 -30.06 4.50
C LYS B 200 1.02 -31.13 3.83
N SER B 201 1.91 -31.72 4.62
CA SER B 201 2.73 -32.83 4.16
C SER B 201 2.98 -33.83 5.29
N SER B 202 3.15 -35.09 4.92
CA SER B 202 3.58 -36.08 5.92
C SER B 202 4.91 -36.64 5.47
N ASP B 203 5.55 -35.93 4.54
CA ASP B 203 6.86 -36.28 3.99
C ASP B 203 7.99 -35.96 4.96
N SER B 204 9.20 -36.41 4.64
CA SER B 204 10.36 -36.13 5.49
C SER B 204 10.61 -34.63 5.69
N HIS B 205 10.40 -33.90 4.60
CA HIS B 205 10.50 -32.46 4.55
C HIS B 205 9.55 -32.00 3.46
N PRO B 206 8.61 -31.09 3.77
CA PRO B 206 7.71 -30.57 2.73
C PRO B 206 8.48 -29.93 1.59
N ALA B 207 7.85 -29.88 0.42
CA ALA B 207 8.40 -29.19 -0.73
C ALA B 207 7.29 -29.00 -1.77
N ASP B 208 7.42 -28.03 -2.68
CA ASP B 208 8.46 -26.99 -2.68
C ASP B 208 7.85 -25.61 -2.46
N GLY B 209 6.55 -25.53 -2.16
CA GLY B 209 5.92 -24.28 -1.77
C GLY B 209 5.07 -23.56 -2.80
N ILE B 210 4.56 -22.40 -2.39
CA ILE B 210 3.55 -21.65 -3.13
C ILE B 210 4.08 -20.27 -3.48
N ALA B 211 3.65 -19.72 -4.62
CA ALA B 211 4.05 -18.36 -5.01
C ALA B 211 2.89 -17.55 -5.47
N PHE B 212 2.91 -16.27 -5.11
CA PHE B 212 2.11 -15.30 -5.81
C PHE B 212 3.02 -14.69 -6.86
N PHE B 213 2.51 -14.68 -8.09
CA PHE B 213 3.33 -14.21 -9.19
C PHE B 213 2.58 -13.29 -10.19
N ILE B 214 3.37 -12.38 -10.75
CA ILE B 214 2.96 -11.52 -11.83
C ILE B 214 3.89 -11.83 -12.98
N SER B 215 3.26 -12.07 -14.14
CA SER B 215 3.97 -12.39 -15.38
C SER B 215 3.29 -11.73 -16.58
N ASN B 216 4.00 -11.73 -17.70
CA ASN B 216 3.40 -11.40 -19.00
C ASN B 216 2.10 -12.13 -19.21
N ILE B 217 1.21 -11.53 -19.99
CA ILE B 217 -0.17 -12.02 -20.14
C ILE B 217 -0.27 -13.48 -20.62
N ASP B 218 0.71 -13.91 -21.38
CA ASP B 218 0.65 -15.23 -22.00
C ASP B 218 1.52 -16.25 -21.27
N SER B 219 2.22 -15.82 -20.24
CA SER B 219 3.06 -16.71 -19.44
C SER B 219 2.40 -18.05 -19.17
N SER B 220 3.23 -19.09 -19.21
CA SER B 220 2.77 -20.44 -18.90
C SER B 220 3.89 -21.21 -18.24
N ILE B 221 3.52 -22.28 -17.58
CA ILE B 221 4.47 -23.12 -16.87
C ILE B 221 5.65 -23.50 -17.75
N PRO B 222 6.87 -23.11 -17.31
CA PRO B 222 8.07 -23.53 -18.02
C PRO B 222 8.34 -25.01 -17.74
N SER B 223 8.66 -25.79 -18.77
CA SER B 223 8.82 -27.25 -18.55
C SER B 223 9.89 -27.62 -17.49
N GLY B 224 9.64 -28.72 -16.80
CA GLY B 224 10.51 -29.14 -15.72
C GLY B 224 10.87 -27.92 -14.90
N SER B 225 9.83 -27.16 -14.53
CA SER B 225 9.97 -26.07 -13.54
C SER B 225 9.32 -26.53 -12.26
N THR B 226 9.16 -27.86 -12.16
CA THR B 226 8.24 -28.51 -11.23
C THR B 226 8.66 -28.62 -9.76
N GLY B 227 9.92 -28.39 -9.42
CA GLY B 227 10.33 -28.67 -8.06
C GLY B 227 10.67 -27.40 -7.32
N ARG B 228 11.94 -27.12 -7.33
CA ARG B 228 12.50 -25.97 -6.67
C ARG B 228 12.21 -24.71 -7.44
N LEU B 229 11.72 -24.89 -8.67
CA LEU B 229 11.47 -23.77 -9.58
C LEU B 229 10.04 -23.32 -9.45
N LEU B 230 9.38 -23.89 -8.44
CA LEU B 230 7.97 -23.63 -8.17
C LEU B 230 7.22 -23.75 -9.51
N GLY B 231 6.52 -22.74 -10.00
CA GLY B 231 5.92 -22.92 -11.32
C GLY B 231 6.37 -21.81 -12.22
N LEU B 232 7.56 -21.29 -11.95
CA LEU B 232 7.84 -19.94 -12.37
C LEU B 232 9.00 -19.77 -13.33
N PHE B 233 10.14 -20.36 -13.01
CA PHE B 233 11.31 -20.21 -13.86
C PHE B 233 11.67 -21.50 -14.61
N PRO B 234 12.37 -21.38 -15.77
CA PRO B 234 12.77 -22.58 -16.53
C PRO B 234 14.12 -23.10 -16.03
N ASP B 235 14.77 -22.29 -15.20
CA ASP B 235 16.09 -22.56 -14.66
C ASP B 235 16.34 -21.69 -13.43
N ALA B 236 17.42 -21.99 -12.70
CA ALA B 236 17.76 -21.30 -11.46
C ALA B 236 18.65 -20.05 -11.64
N ASN B 237 18.70 -19.51 -12.86
CA ASN B 237 19.59 -18.39 -13.16
C ASN B 237 19.20 -17.08 -12.54
#